data_7BCO
#
_entry.id   7BCO
#
_cell.length_a   58.166
_cell.length_b   92.082
_cell.length_c   62.378
_cell.angle_alpha   90.000
_cell.angle_beta   90.007
_cell.angle_gamma   90.000
#
_symmetry.space_group_name_H-M   'P 1 21 1'
#
loop_
_entity.id
_entity.type
_entity.pdbx_description
1 polymer 'Putative TRAP transporter solute receptor DctP'
2 non-polymer '(2R,3S,4S,5S)-2,3,4,5-tetrahydroxyhexanoic acid'
3 water water
#
_entity_poly.entity_id   1
_entity_poly.type   'polypeptide(L)'
_entity_poly.pdbx_seq_one_letter_code
;MKRLKKTVASLTAVALLGMGSAAVWAKDIKPRIIRFGYGLADDSPTGKASAHFAEVVSKLSDGKMKVKTFGNGALGPDEQ
LINSLISGSGEITFVSTAPIASLIPEFGVFDLPFLFDNEKVADTVLDGPEGKKLLDKLPAKGLIGLNYWENGFRNITNSR
HEISKLDDIGGIKLRVMQNQVALSVFKGLGANAIPMPFTELFTALETKTVDGQENPLSTIQTSKFYEVQPYLTLSNHVYT
PFVFLASKKWFDQLSQDEKDVITQAAADSQAFQRKASRQGNEDALKYLKEHNVKVAEFSTEEREKIREKVAPIVESLKAK
IGKETVEGVLDAAKKASGA
;
_entity_poly.pdbx_strand_id   A,B
#
loop_
_chem_comp.id
_chem_comp.type
_chem_comp.name
_chem_comp.formula
TF8 non-polymer '(2R,3S,4S,5S)-2,3,4,5-tetrahydroxyhexanoic acid' 'C6 H12 O6'
#
# COMPACT_ATOMS: atom_id res chain seq x y z
N ASP A 28 24.00 10.02 7.13
CA ASP A 28 23.02 9.92 8.22
C ASP A 28 21.67 9.45 7.72
N ILE A 29 21.55 8.16 7.40
CA ILE A 29 20.31 7.59 6.89
C ILE A 29 20.07 6.33 7.69
N LYS A 30 18.94 6.26 8.39
CA LYS A 30 18.51 5.15 9.20
C LYS A 30 17.44 4.36 8.46
N PRO A 31 17.41 3.01 8.55
CA PRO A 31 16.30 2.25 7.95
C PRO A 31 14.94 2.89 8.23
N ARG A 32 14.08 2.93 7.22
CA ARG A 32 12.82 3.68 7.25
C ARG A 32 11.89 3.03 6.24
N ILE A 33 10.60 2.91 6.62
CA ILE A 33 9.55 2.37 5.77
C ILE A 33 8.57 3.48 5.53
N ILE A 34 8.28 3.73 4.24
CA ILE A 34 7.64 4.95 3.80
C ILE A 34 6.42 4.59 2.95
N ARG A 35 5.24 4.97 3.39
CA ARG A 35 4.02 4.58 2.70
C ARG A 35 3.55 5.65 1.70
N PHE A 36 3.21 5.20 0.50
CA PHE A 36 2.92 6.03 -0.67
C PHE A 36 1.64 5.45 -1.26
N GLY A 37 0.48 5.97 -0.77
CA GLY A 37 -0.83 5.68 -1.32
C GLY A 37 -1.20 6.59 -2.51
N TYR A 38 -2.08 6.11 -3.38
CA TYR A 38 -2.60 6.96 -4.44
C TYR A 38 -3.86 6.34 -5.03
N GLY A 39 -4.52 7.11 -5.88
CA GLY A 39 -5.83 6.78 -6.35
C GLY A 39 -5.91 6.05 -7.69
N LEU A 40 -5.04 6.39 -8.64
CA LEU A 40 -4.99 5.76 -9.95
C LEU A 40 -4.51 4.31 -9.88
N ALA A 41 -4.79 3.58 -10.96
CA ALA A 41 -4.35 2.19 -11.08
C ALA A 41 -2.84 2.13 -11.06
N ASP A 42 -2.35 0.97 -10.62
CA ASP A 42 -0.92 0.76 -10.51
C ASP A 42 -0.23 0.80 -11.86
N ASP A 43 -0.92 0.45 -12.93
CA ASP A 43 -0.24 0.45 -14.23
C ASP A 43 -0.52 1.73 -15.00
N SER A 44 -1.07 2.76 -14.37
CA SER A 44 -1.07 4.07 -14.99
C SER A 44 0.36 4.57 -15.09
N PRO A 45 0.61 5.55 -15.95
CA PRO A 45 1.94 6.17 -15.97
C PRO A 45 2.36 6.71 -14.60
N THR A 46 1.45 7.33 -13.83
CA THR A 46 1.82 7.85 -12.52
C THR A 46 2.02 6.72 -11.53
N GLY A 47 1.28 5.62 -11.67
CA GLY A 47 1.49 4.45 -10.83
C GLY A 47 2.88 3.85 -11.03
N LYS A 48 3.30 3.78 -12.29
CA LYS A 48 4.66 3.35 -12.60
C LYS A 48 5.69 4.37 -12.10
N ALA A 49 5.39 5.67 -12.21
CA ALA A 49 6.34 6.64 -11.68
C ALA A 49 6.49 6.51 -10.16
N SER A 50 5.43 6.12 -9.45
CA SER A 50 5.57 5.92 -8.02
C SER A 50 6.56 4.80 -7.71
N ALA A 51 6.47 3.69 -8.45
CA ALA A 51 7.43 2.62 -8.35
C ALA A 51 8.83 3.09 -8.71
N HIS A 52 8.94 3.97 -9.72
CA HIS A 52 10.25 4.55 -10.05
C HIS A 52 10.80 5.31 -8.87
N PHE A 53 9.95 6.10 -8.21
CA PHE A 53 10.40 6.86 -7.05
C PHE A 53 10.81 5.93 -5.92
N ALA A 54 10.04 4.87 -5.68
CA ALA A 54 10.45 3.90 -4.65
C ALA A 54 11.81 3.29 -4.98
N GLU A 55 12.03 2.97 -6.27
CA GLU A 55 13.30 2.43 -6.71
C GLU A 55 14.42 3.42 -6.49
N VAL A 56 14.21 4.67 -6.89
CA VAL A 56 15.23 5.69 -6.74
C VAL A 56 15.55 5.93 -5.25
N VAL A 57 14.52 6.02 -4.42
CA VAL A 57 14.79 6.21 -2.99
C VAL A 57 15.64 5.06 -2.45
N SER A 58 15.36 3.82 -2.89
CA SER A 58 16.13 2.70 -2.36
C SER A 58 17.59 2.76 -2.78
N LYS A 59 17.86 3.09 -4.05
CA LYS A 59 19.24 3.17 -4.50
C LYS A 59 20.00 4.27 -3.75
N LEU A 60 19.37 5.44 -3.61
CA LEU A 60 20.08 6.56 -3.02
C LEU A 60 20.33 6.36 -1.54
N SER A 61 19.61 5.42 -0.91
CA SER A 61 19.65 5.15 0.53
C SER A 61 20.39 3.87 0.89
N ASP A 62 21.05 3.22 -0.09
CA ASP A 62 21.60 1.88 0.05
C ASP A 62 20.54 0.90 0.52
N GLY A 63 19.35 1.00 -0.06
CA GLY A 63 18.24 0.16 0.35
C GLY A 63 17.75 0.36 1.79
N LYS A 64 18.20 1.42 2.47
CA LYS A 64 17.70 1.60 3.84
C LYS A 64 16.29 2.19 3.85
N MET A 65 15.98 3.06 2.87
CA MET A 65 14.70 3.76 2.79
C MET A 65 13.86 3.00 1.77
N LYS A 66 12.79 2.36 2.23
CA LYS A 66 11.97 1.51 1.38
C LYS A 66 10.59 2.13 1.33
N VAL A 67 10.14 2.48 0.14
CA VAL A 67 8.83 3.06 -0.10
C VAL A 67 7.88 1.93 -0.48
N LYS A 68 6.79 1.80 0.23
CA LYS A 68 5.72 0.84 -0.04
C LYS A 68 4.59 1.60 -0.73
N THR A 69 4.26 1.24 -1.98
CA THR A 69 3.15 1.87 -2.69
C THR A 69 1.86 1.10 -2.47
N PHE A 70 0.75 1.84 -2.42
CA PHE A 70 -0.60 1.28 -2.23
C PHE A 70 -1.50 1.96 -3.27
N GLY A 71 -1.49 1.43 -4.50
CA GLY A 71 -2.20 2.04 -5.60
C GLY A 71 -3.69 1.73 -5.58
N ASN A 72 -4.38 2.34 -6.53
CA ASN A 72 -5.78 2.04 -6.85
C ASN A 72 -6.73 2.43 -5.72
N GLY A 73 -6.38 3.45 -4.93
CA GLY A 73 -7.27 3.90 -3.89
C GLY A 73 -7.25 3.06 -2.65
N ALA A 74 -6.23 2.22 -2.50
CA ALA A 74 -6.12 1.33 -1.34
C ALA A 74 -6.13 2.11 -0.02
N LEU A 75 -5.41 3.23 0.04
CA LEU A 75 -5.39 4.10 1.22
C LEU A 75 -6.36 5.26 1.10
N GLY A 76 -7.35 5.12 0.23
CA GLY A 76 -8.45 6.06 0.10
C GLY A 76 -8.22 7.03 -1.03
N PRO A 77 -9.20 7.90 -1.27
CA PRO A 77 -9.07 8.93 -2.31
C PRO A 77 -8.19 10.10 -1.86
N ASP A 78 -7.93 10.96 -2.84
CA ASP A 78 -7.14 12.18 -2.67
C ASP A 78 -7.42 12.91 -1.36
N GLU A 79 -8.71 13.07 -1.02
CA GLU A 79 -9.06 13.81 0.19
C GLU A 79 -8.56 13.11 1.45
N GLN A 80 -8.67 11.77 1.51
CA GLN A 80 -8.18 11.01 2.65
C GLN A 80 -6.65 10.98 2.65
N LEU A 81 -6.04 10.90 1.47
CA LEU A 81 -4.60 10.90 1.39
C LEU A 81 -4.02 12.21 1.89
N ILE A 82 -4.65 13.34 1.53
CA ILE A 82 -4.24 14.66 2.04
C ILE A 82 -4.25 14.66 3.57
N ASN A 83 -5.37 14.22 4.16
CA ASN A 83 -5.49 14.27 5.62
C ASN A 83 -4.52 13.30 6.30
N SER A 84 -4.21 12.16 5.68
CA SER A 84 -3.26 11.21 6.24
C SER A 84 -1.88 11.82 6.33
N LEU A 85 -1.49 12.57 5.30
CA LEU A 85 -0.23 13.30 5.35
C LEU A 85 -0.30 14.41 6.39
N ILE A 86 -1.45 15.06 6.53
CA ILE A 86 -1.57 16.11 7.55
C ILE A 86 -1.34 15.50 8.93
N SER A 87 -2.10 14.45 9.26
CA SER A 87 -1.99 13.82 10.56
C SER A 87 -0.68 13.04 10.75
N GLY A 88 -0.12 12.52 9.68
CA GLY A 88 1.12 11.77 9.73
C GLY A 88 0.96 10.26 9.56
N SER A 89 -0.27 9.76 9.39
CA SER A 89 -0.46 8.34 9.11
C SER A 89 0.09 7.93 7.74
N GLY A 90 0.29 8.89 6.85
CA GLY A 90 0.87 8.62 5.56
C GLY A 90 2.00 9.58 5.28
N GLU A 91 2.98 9.10 4.53
CA GLU A 91 4.20 9.84 4.33
C GLU A 91 4.24 10.60 3.01
N ILE A 92 3.82 9.98 1.90
CA ILE A 92 4.00 10.54 0.56
C ILE A 92 2.75 10.26 -0.25
N THR A 93 2.38 11.19 -1.12
CA THR A 93 1.29 10.94 -2.08
C THR A 93 1.43 11.88 -3.29
N PHE A 94 0.63 11.60 -4.33
CA PHE A 94 0.37 12.58 -5.39
C PHE A 94 -1.13 12.74 -5.48
N VAL A 95 -1.61 13.97 -5.57
CA VAL A 95 -3.02 14.26 -5.67
C VAL A 95 -3.19 15.36 -6.72
N SER A 96 -4.39 15.39 -7.31
CA SER A 96 -4.80 16.49 -8.16
C SER A 96 -4.88 17.75 -7.33
N THR A 97 -4.71 18.87 -8.01
CA THR A 97 -4.79 20.18 -7.38
C THR A 97 -6.19 20.44 -6.86
N ALA A 98 -7.20 19.87 -7.51
CA ALA A 98 -8.58 20.27 -7.22
C ALA A 98 -8.92 20.06 -5.76
N PRO A 99 -8.71 18.89 -5.17
CA PRO A 99 -8.99 18.69 -3.73
C PRO A 99 -8.16 19.58 -2.81
N ILE A 100 -6.99 20.03 -3.25
CA ILE A 100 -6.21 20.95 -2.44
C ILE A 100 -6.89 22.30 -2.29
N ALA A 101 -7.82 22.68 -3.20
CA ALA A 101 -8.55 23.94 -3.05
C ALA A 101 -9.35 24.00 -1.75
N SER A 102 -9.69 22.84 -1.18
CA SER A 102 -10.45 22.75 0.05
C SER A 102 -9.66 23.22 1.24
N LEU A 103 -8.34 23.36 1.09
CA LEU A 103 -7.44 23.87 2.11
C LEU A 103 -6.87 25.22 1.72
N ILE A 104 -6.44 25.32 0.47
CA ILE A 104 -5.82 26.49 -0.14
C ILE A 104 -6.60 26.83 -1.41
N PRO A 105 -7.51 27.81 -1.35
CA PRO A 105 -8.38 28.09 -2.50
C PRO A 105 -7.65 28.44 -3.77
N GLU A 106 -6.45 29.02 -3.66
CA GLU A 106 -5.70 29.40 -4.83
C GLU A 106 -5.48 28.23 -5.78
N PHE A 107 -5.43 27.02 -5.26
CA PHE A 107 -5.17 25.85 -6.10
C PHE A 107 -6.32 25.58 -7.05
N GLY A 108 -7.50 26.18 -6.80
CA GLY A 108 -8.61 26.09 -7.75
C GLY A 108 -8.32 26.65 -9.13
N VAL A 109 -7.26 27.42 -9.28
CA VAL A 109 -6.99 28.09 -10.55
C VAL A 109 -6.89 27.07 -11.69
N PHE A 110 -6.39 25.86 -11.39
CA PHE A 110 -6.13 24.88 -12.43
C PHE A 110 -7.37 24.21 -12.97
N ASP A 111 -8.54 24.43 -12.34
CA ASP A 111 -9.81 23.91 -12.81
C ASP A 111 -10.53 24.87 -13.77
N LEU A 112 -9.91 26.01 -14.07
CA LEU A 112 -10.42 26.90 -15.12
C LEU A 112 -10.07 26.37 -16.51
N PRO A 113 -11.05 26.19 -17.39
CA PRO A 113 -10.75 25.60 -18.71
C PRO A 113 -9.84 26.48 -19.56
N PHE A 114 -8.88 25.83 -20.22
CA PHE A 114 -8.08 26.43 -21.28
C PHE A 114 -7.02 27.39 -20.75
N LEU A 115 -6.45 27.07 -19.59
CA LEU A 115 -5.37 27.90 -19.08
C LEU A 115 -4.07 27.63 -19.81
N PHE A 116 -3.78 26.37 -20.15
CA PHE A 116 -2.50 26.02 -20.73
C PHE A 116 -2.74 25.47 -22.13
N ASP A 117 -2.06 26.07 -23.12
CA ASP A 117 -2.22 25.60 -24.50
C ASP A 117 -1.74 24.17 -24.66
N ASN A 118 -0.70 23.77 -23.89
CA ASN A 118 -0.02 22.49 -24.11
C ASN A 118 0.87 22.16 -22.90
N GLU A 119 1.58 21.02 -23.01
CA GLU A 119 2.34 20.48 -21.89
C GLU A 119 3.58 21.31 -21.60
N LYS A 120 4.15 21.97 -22.61
CA LYS A 120 5.35 22.78 -22.39
C LYS A 120 5.00 24.06 -21.67
N VAL A 121 3.88 24.70 -22.05
CA VAL A 121 3.38 25.82 -21.25
C VAL A 121 3.15 25.37 -19.81
N ALA A 122 2.56 24.19 -19.63
CA ALA A 122 2.25 23.70 -18.31
C ALA A 122 3.51 23.53 -17.48
N ASP A 123 4.51 22.82 -18.04
CA ASP A 123 5.78 22.63 -17.36
C ASP A 123 6.42 23.96 -16.99
N THR A 124 6.47 24.88 -17.97
CA THR A 124 7.13 26.16 -17.74
C THR A 124 6.49 26.90 -16.57
N VAL A 125 5.16 26.97 -16.57
CA VAL A 125 4.46 27.73 -15.54
C VAL A 125 4.57 27.04 -14.19
N LEU A 126 4.23 25.74 -14.13
CA LEU A 126 4.23 25.05 -12.84
C LEU A 126 5.64 25.03 -12.23
N ASP A 127 6.65 24.84 -13.07
CA ASP A 127 8.02 24.80 -12.60
C ASP A 127 8.63 26.19 -12.36
N GLY A 128 7.87 27.26 -12.63
CA GLY A 128 8.39 28.60 -12.46
C GLY A 128 7.76 29.33 -11.30
N PRO A 129 7.99 30.64 -11.24
CA PRO A 129 7.59 31.39 -10.03
C PRO A 129 6.14 31.20 -9.61
N GLU A 130 5.19 31.16 -10.56
CA GLU A 130 3.78 31.08 -10.15
C GLU A 130 3.44 29.71 -9.55
N GLY A 131 4.06 28.64 -10.06
CA GLY A 131 3.80 27.34 -9.46
C GLY A 131 4.40 27.25 -8.08
N LYS A 132 5.61 27.79 -7.93
CA LYS A 132 6.26 27.87 -6.63
C LYS A 132 5.43 28.64 -5.61
N LYS A 133 4.84 29.77 -6.02
CA LYS A 133 4.06 30.55 -5.06
C LYS A 133 2.98 29.69 -4.42
N LEU A 134 2.34 28.86 -5.23
CA LEU A 134 1.29 27.97 -4.72
C LEU A 134 1.88 26.86 -3.84
N LEU A 135 2.96 26.24 -4.29
CA LEU A 135 3.53 25.19 -3.45
C LEU A 135 3.99 25.76 -2.11
N ASP A 136 4.41 27.02 -2.06
CA ASP A 136 4.87 27.64 -0.82
C ASP A 136 3.76 27.78 0.21
N LYS A 137 2.49 27.64 -0.21
CA LYS A 137 1.35 27.74 0.68
C LYS A 137 1.05 26.46 1.41
N LEU A 138 1.73 25.36 1.03
CA LEU A 138 1.47 24.05 1.61
C LEU A 138 1.98 23.87 3.04
N PRO A 139 3.20 24.29 3.39
CA PRO A 139 3.70 23.98 4.74
C PRO A 139 2.76 24.47 5.85
N ALA A 140 2.15 25.64 5.67
CA ALA A 140 1.19 26.13 6.67
C ALA A 140 0.05 25.16 6.93
N LYS A 141 -0.33 24.35 5.95
CA LYS A 141 -1.41 23.38 6.17
C LYS A 141 -0.89 21.97 6.47
N GLY A 142 0.41 21.82 6.62
CA GLY A 142 1.00 20.59 7.06
C GLY A 142 1.54 19.69 5.96
N LEU A 143 1.82 20.26 4.77
CA LEU A 143 2.18 19.52 3.57
C LEU A 143 3.45 20.12 3.02
N ILE A 144 4.22 19.32 2.31
CA ILE A 144 5.37 19.78 1.54
C ILE A 144 5.05 19.48 0.08
N GLY A 145 5.03 20.51 -0.75
CA GLY A 145 4.95 20.31 -2.19
C GLY A 145 6.31 20.04 -2.81
N LEU A 146 6.66 18.75 -2.97
CA LEU A 146 7.97 18.38 -3.51
C LEU A 146 8.18 18.92 -4.92
N ASN A 147 7.19 18.73 -5.78
CA ASN A 147 7.18 19.34 -7.10
C ASN A 147 5.83 18.98 -7.73
N TYR A 148 5.64 19.37 -8.98
CA TYR A 148 4.43 19.11 -9.70
C TYR A 148 4.70 17.95 -10.65
N TRP A 149 3.73 17.05 -10.76
CA TRP A 149 3.66 15.94 -11.71
C TRP A 149 2.51 16.22 -12.65
N GLU A 150 2.39 15.37 -13.67
CA GLU A 150 1.39 15.60 -14.71
C GLU A 150 0.24 14.62 -14.57
N ASN A 151 -0.97 15.13 -14.34
CA ASN A 151 -2.20 14.36 -14.51
C ASN A 151 -2.63 14.47 -15.99
N GLY A 152 -3.05 15.66 -16.44
CA GLY A 152 -2.97 15.99 -17.84
C GLY A 152 -4.21 16.71 -18.33
N PHE A 153 -4.35 16.78 -19.64
CA PHE A 153 -5.56 17.33 -20.24
C PHE A 153 -6.69 16.34 -20.09
N ARG A 154 -7.84 16.84 -19.69
CA ARG A 154 -8.98 15.99 -19.35
C ARG A 154 -9.97 15.94 -20.51
N ASN A 155 -10.59 14.76 -20.71
CA ASN A 155 -11.53 14.51 -21.80
C ASN A 155 -12.84 13.93 -21.28
N ILE A 156 -13.93 14.32 -21.92
CA ILE A 156 -15.27 13.96 -21.46
C ILE A 156 -15.67 12.60 -22.01
N THR A 157 -16.13 11.73 -21.12
CA THR A 157 -16.64 10.40 -21.41
C THR A 157 -18.05 10.33 -20.84
N ASN A 158 -18.95 9.62 -21.52
CA ASN A 158 -20.29 9.43 -20.97
C ASN A 158 -20.93 8.23 -21.66
N SER A 159 -22.10 7.82 -21.14
CA SER A 159 -22.86 6.68 -21.62
C SER A 159 -24.25 7.03 -22.14
N ARG A 160 -24.54 8.32 -22.29
CA ARG A 160 -25.87 8.78 -22.67
C ARG A 160 -26.00 9.01 -24.17
N HIS A 161 -25.15 9.88 -24.72
CA HIS A 161 -25.14 10.18 -26.15
C HIS A 161 -23.80 10.84 -26.45
N GLU A 162 -23.40 10.78 -27.72
CA GLU A 162 -22.21 11.51 -28.16
C GLU A 162 -22.27 12.99 -27.73
N ILE A 163 -21.10 13.52 -27.38
CA ILE A 163 -20.94 14.94 -27.06
C ILE A 163 -19.99 15.48 -28.11
N SER A 164 -20.55 16.05 -29.18
CA SER A 164 -19.80 16.75 -30.21
C SER A 164 -20.06 18.25 -30.23
N LYS A 165 -21.07 18.73 -29.51
CA LYS A 165 -21.34 20.16 -29.38
C LYS A 165 -21.59 20.55 -27.93
N LEU A 166 -21.29 21.82 -27.63
CA LEU A 166 -21.59 22.39 -26.33
C LEU A 166 -23.00 22.07 -25.91
N ASP A 167 -23.95 22.11 -26.85
CA ASP A 167 -25.33 21.82 -26.49
C ASP A 167 -25.53 20.39 -26.05
N ASP A 168 -24.65 19.48 -26.45
CA ASP A 168 -24.73 18.10 -26.03
C ASP A 168 -24.44 17.93 -24.54
N ILE A 169 -23.75 18.88 -23.91
CA ILE A 169 -23.47 18.77 -22.48
C ILE A 169 -24.76 18.96 -21.69
N GLY A 170 -25.72 19.69 -22.24
CA GLY A 170 -26.89 20.10 -21.48
C GLY A 170 -27.57 19.04 -20.64
N GLY A 171 -27.55 19.22 -19.32
CA GLY A 171 -28.25 18.29 -18.47
C GLY A 171 -27.60 16.93 -18.34
N ILE A 172 -26.40 16.74 -18.91
CA ILE A 172 -25.64 15.51 -18.66
C ILE A 172 -25.32 15.40 -17.18
N LYS A 173 -25.41 14.19 -16.65
CA LYS A 173 -25.08 13.96 -15.23
C LYS A 173 -23.60 13.61 -15.17
N LEU A 174 -22.79 14.63 -14.92
CA LEU A 174 -21.35 14.55 -15.03
C LEU A 174 -20.75 14.59 -13.62
N ARG A 175 -19.99 13.55 -13.27
CA ARG A 175 -19.16 13.64 -12.09
C ARG A 175 -18.08 14.68 -12.34
N VAL A 176 -17.78 15.49 -11.33
CA VAL A 176 -16.61 16.37 -11.35
C VAL A 176 -15.80 16.16 -10.07
N MET A 177 -14.59 16.72 -10.06
CA MET A 177 -13.77 16.79 -8.87
C MET A 177 -14.40 17.78 -7.87
N GLN A 178 -14.04 17.59 -6.60
CA GLN A 178 -14.80 18.12 -5.45
C GLN A 178 -14.25 19.50 -5.07
N ASN A 179 -14.78 20.50 -5.75
CA ASN A 179 -14.22 21.83 -5.79
C ASN A 179 -15.33 22.77 -6.25
N GLN A 180 -15.37 23.96 -5.68
CA GLN A 180 -16.34 24.91 -6.17
C GLN A 180 -16.05 25.28 -7.63
N VAL A 181 -14.77 25.37 -7.99
CA VAL A 181 -14.42 25.82 -9.33
C VAL A 181 -14.94 24.82 -10.36
N ALA A 182 -14.62 23.53 -10.15
CA ALA A 182 -15.05 22.49 -11.05
C ALA A 182 -16.56 22.41 -11.15
N LEU A 183 -17.22 22.51 -10.00
CA LEU A 183 -18.68 22.41 -10.00
C LEU A 183 -19.31 23.54 -10.78
N SER A 184 -18.79 24.74 -10.59
CA SER A 184 -19.37 25.92 -11.22
C SER A 184 -19.07 25.96 -12.70
N VAL A 185 -17.85 25.53 -13.08
CA VAL A 185 -17.51 25.51 -14.51
C VAL A 185 -18.48 24.62 -15.29
N PHE A 186 -18.71 23.40 -14.83
CA PHE A 186 -19.50 22.46 -15.62
C PHE A 186 -20.99 22.74 -15.55
N LYS A 187 -21.48 23.27 -14.43
CA LYS A 187 -22.87 23.71 -14.34
C LYS A 187 -23.15 24.89 -15.27
N GLY A 188 -22.17 25.77 -15.46
CA GLY A 188 -22.30 26.82 -16.45
C GLY A 188 -22.23 26.29 -17.87
N LEU A 189 -21.51 25.20 -18.08
CA LEU A 189 -21.64 24.53 -19.35
C LEU A 189 -22.94 23.73 -19.51
N GLY A 190 -23.81 23.73 -18.50
CA GLY A 190 -25.10 23.11 -18.66
C GLY A 190 -25.23 21.69 -18.14
N ALA A 191 -24.17 21.12 -17.58
CA ALA A 191 -24.29 19.79 -17.01
C ALA A 191 -24.90 19.86 -15.61
N ASN A 192 -25.37 18.70 -15.14
CA ASN A 192 -25.64 18.49 -13.71
C ASN A 192 -24.36 17.89 -13.13
N ALA A 193 -23.62 18.73 -12.44
CA ALA A 193 -22.28 18.40 -11.96
C ALA A 193 -22.39 17.70 -10.60
N ILE A 194 -21.86 16.48 -10.55
CA ILE A 194 -21.89 15.71 -9.33
C ILE A 194 -20.48 15.54 -8.76
N PRO A 195 -20.09 16.32 -7.76
CA PRO A 195 -18.78 16.08 -7.13
C PRO A 195 -18.72 14.67 -6.53
N MET A 196 -17.62 13.98 -6.78
CA MET A 196 -17.50 12.61 -6.30
C MET A 196 -16.03 12.26 -6.16
N PRO A 197 -15.65 11.46 -5.17
CA PRO A 197 -14.27 11.01 -5.09
C PRO A 197 -13.98 10.09 -6.26
N PHE A 198 -12.75 10.18 -6.78
CA PHE A 198 -12.33 9.33 -7.86
C PHE A 198 -12.54 7.84 -7.52
N THR A 199 -12.27 7.46 -6.26
CA THR A 199 -12.30 6.05 -5.88
C THR A 199 -13.71 5.47 -6.01
N GLU A 200 -14.72 6.32 -6.12
CA GLU A 200 -16.11 5.90 -6.27
C GLU A 200 -16.60 5.97 -7.71
N LEU A 201 -15.75 6.40 -8.63
CA LEU A 201 -16.23 6.74 -9.97
C LEU A 201 -16.67 5.48 -10.75
N PHE A 202 -15.79 4.47 -10.84
CA PHE A 202 -16.07 3.35 -11.75
C PHE A 202 -17.47 2.79 -11.48
N THR A 203 -17.83 2.55 -10.20
CA THR A 203 -19.18 2.07 -9.87
C THR A 203 -20.26 3.06 -10.28
N ALA A 204 -20.07 4.34 -10.01
CA ALA A 204 -21.04 5.34 -10.44
C ALA A 204 -21.27 5.26 -11.94
N LEU A 205 -20.22 5.09 -12.72
CA LEU A 205 -20.39 5.00 -14.17
C LEU A 205 -21.12 3.72 -14.56
N GLU A 206 -20.70 2.59 -14.01
CA GLU A 206 -21.25 1.31 -14.44
C GLU A 206 -22.73 1.21 -14.13
N THR A 207 -23.17 1.77 -13.01
CA THR A 207 -24.56 1.73 -12.60
C THR A 207 -25.38 2.91 -13.10
N LYS A 208 -24.77 3.83 -13.85
CA LYS A 208 -25.48 4.97 -14.41
C LYS A 208 -26.02 5.91 -13.33
N THR A 209 -25.47 5.84 -12.11
CA THR A 209 -25.82 6.86 -11.12
C THR A 209 -25.37 8.24 -11.61
N VAL A 210 -24.33 8.25 -12.42
CA VAL A 210 -23.86 9.42 -13.14
C VAL A 210 -23.79 8.99 -14.61
N ASP A 211 -23.97 9.96 -15.51
CA ASP A 211 -23.89 9.64 -16.94
C ASP A 211 -22.46 9.65 -17.45
N GLY A 212 -21.60 10.49 -16.89
CA GLY A 212 -20.30 10.70 -17.47
C GLY A 212 -19.29 11.18 -16.46
N GLN A 213 -18.12 11.54 -17.00
CA GLN A 213 -16.91 11.74 -16.24
C GLN A 213 -15.95 12.49 -17.13
N GLU A 214 -14.81 12.88 -16.56
CA GLU A 214 -13.84 13.72 -17.27
C GLU A 214 -12.45 13.52 -16.69
N ASN A 215 -11.52 12.94 -17.47
CA ASN A 215 -10.17 12.63 -17.00
C ASN A 215 -9.24 12.50 -18.21
N PRO A 216 -7.92 12.39 -18.00
CA PRO A 216 -7.03 12.11 -19.13
C PRO A 216 -7.24 10.71 -19.74
N LEU A 217 -6.82 10.58 -21.00
CA LEU A 217 -6.97 9.32 -21.72
C LEU A 217 -6.28 8.17 -20.99
N SER A 218 -5.03 8.34 -20.56
CA SER A 218 -4.37 7.22 -19.89
C SER A 218 -5.13 6.77 -18.64
N THR A 219 -5.86 7.70 -17.97
CA THR A 219 -6.67 7.28 -16.84
C THR A 219 -7.95 6.62 -17.32
N ILE A 220 -8.59 7.19 -18.34
CA ILE A 220 -9.72 6.55 -19.01
C ILE A 220 -9.40 5.10 -19.32
N GLN A 221 -8.23 4.88 -19.91
CA GLN A 221 -7.77 3.54 -20.20
C GLN A 221 -7.58 2.72 -18.92
N THR A 222 -6.67 3.18 -18.02
CA THR A 222 -6.15 2.27 -16.98
C THR A 222 -7.15 2.07 -15.84
N SER A 223 -8.05 3.01 -15.61
CA SER A 223 -9.21 2.75 -14.73
C SER A 223 -10.37 2.06 -15.47
N LYS A 224 -10.19 1.77 -16.77
CA LYS A 224 -11.16 1.02 -17.59
C LYS A 224 -12.54 1.69 -17.63
N PHE A 225 -12.58 3.00 -17.48
CA PHE A 225 -13.83 3.72 -17.66
C PHE A 225 -14.44 3.43 -19.06
N TYR A 226 -13.59 3.18 -20.07
CA TYR A 226 -14.12 2.90 -21.41
C TYR A 226 -15.04 1.68 -21.41
N GLU A 227 -14.83 0.76 -20.47
CA GLU A 227 -15.70 -0.41 -20.40
C GLU A 227 -17.15 -0.03 -20.17
N VAL A 228 -17.42 1.15 -19.63
CA VAL A 228 -18.78 1.49 -19.22
C VAL A 228 -19.10 2.89 -19.71
N GLN A 229 -18.29 3.40 -20.62
CA GLN A 229 -18.50 4.70 -21.25
C GLN A 229 -18.36 4.49 -22.75
N PRO A 230 -19.46 4.28 -23.48
CA PRO A 230 -19.34 4.12 -24.93
C PRO A 230 -18.88 5.37 -25.69
N TYR A 231 -19.04 6.56 -25.13
CA TYR A 231 -18.71 7.83 -25.79
C TYR A 231 -17.50 8.50 -25.15
N LEU A 232 -16.54 8.87 -25.99
CA LEU A 232 -15.42 9.72 -25.61
C LEU A 232 -15.32 10.95 -26.50
N THR A 233 -15.11 12.11 -25.89
CA THR A 233 -14.95 13.38 -26.58
C THR A 233 -13.57 13.95 -26.25
N LEU A 234 -12.78 14.17 -27.30
CA LEU A 234 -11.46 14.77 -27.16
C LEU A 234 -11.60 16.28 -27.01
N SER A 235 -11.89 16.71 -25.77
CA SER A 235 -12.13 18.12 -25.49
C SER A 235 -10.94 18.83 -24.89
N ASN A 236 -10.00 18.11 -24.23
CA ASN A 236 -8.88 18.74 -23.52
C ASN A 236 -9.22 20.13 -22.93
N HIS A 237 -10.27 20.18 -22.15
CA HIS A 237 -10.78 21.44 -21.65
C HIS A 237 -10.09 21.97 -20.39
N VAL A 238 -9.44 21.13 -19.61
CA VAL A 238 -8.77 21.55 -18.36
C VAL A 238 -7.49 20.75 -18.25
N TYR A 239 -6.41 21.39 -17.82
CA TYR A 239 -5.17 20.69 -17.50
C TYR A 239 -5.01 20.56 -15.99
N THR A 240 -4.81 19.34 -15.50
CA THR A 240 -4.71 19.12 -14.08
C THR A 240 -3.26 18.78 -13.74
N PRO A 241 -2.61 19.60 -12.93
CA PRO A 241 -1.31 19.22 -12.37
C PRO A 241 -1.58 18.29 -11.20
N PHE A 242 -0.68 17.34 -11.01
CA PHE A 242 -0.56 16.67 -9.72
C PHE A 242 0.40 17.47 -8.85
N VAL A 243 0.16 17.43 -7.54
CA VAL A 243 1.19 17.82 -6.57
C VAL A 243 1.77 16.56 -5.93
N PHE A 244 3.10 16.43 -6.00
CA PHE A 244 3.78 15.31 -5.34
C PHE A 244 4.04 15.75 -3.89
N LEU A 245 3.40 15.08 -2.93
CA LEU A 245 3.26 15.58 -1.58
C LEU A 245 4.01 14.68 -0.61
N ALA A 246 4.57 15.33 0.42
CA ALA A 246 5.12 14.70 1.62
C ALA A 246 4.48 15.31 2.86
N SER A 247 4.34 14.50 3.91
CA SER A 247 3.85 15.00 5.19
C SER A 247 4.91 15.89 5.82
N LYS A 248 4.58 17.16 6.11
CA LYS A 248 5.55 18.05 6.74
C LYS A 248 6.02 17.50 8.08
N LYS A 249 5.06 17.04 8.89
CA LYS A 249 5.36 16.46 10.19
C LYS A 249 6.42 15.39 10.06
N TRP A 250 6.23 14.48 9.10
CA TRP A 250 7.17 13.41 8.88
C TRP A 250 8.45 13.92 8.24
N PHE A 251 8.34 14.77 7.21
CA PHE A 251 9.52 15.22 6.49
C PHE A 251 10.47 15.98 7.41
N ASP A 252 9.92 16.73 8.38
CA ASP A 252 10.72 17.59 9.23
C ASP A 252 11.55 16.78 10.21
N GLN A 253 11.03 15.58 10.60
CA GLN A 253 11.75 14.63 11.47
C GLN A 253 12.87 13.88 10.76
N LEU A 254 13.02 14.06 9.45
CA LEU A 254 14.08 13.39 8.71
C LEU A 254 15.43 14.11 8.86
N SER A 255 16.51 13.35 8.72
CA SER A 255 17.85 13.88 8.57
C SER A 255 17.93 14.77 7.35
N GLN A 256 18.99 15.59 7.26
CA GLN A 256 19.20 16.33 6.02
C GLN A 256 19.54 15.36 4.89
N ASP A 257 20.35 14.35 5.21
CA ASP A 257 20.66 13.30 4.25
C ASP A 257 19.38 12.58 3.80
N GLU A 258 18.46 12.35 4.73
CA GLU A 258 17.23 11.64 4.39
C GLU A 258 16.33 12.51 3.52
N LYS A 259 16.32 13.82 3.77
CA LYS A 259 15.56 14.76 2.98
C LYS A 259 16.11 14.83 1.57
N ASP A 260 17.42 14.90 1.43
CA ASP A 260 18.01 14.90 0.11
C ASP A 260 17.63 13.65 -0.68
N VAL A 261 17.54 12.49 -0.02
CA VAL A 261 17.08 11.31 -0.74
C VAL A 261 15.69 11.56 -1.34
N ILE A 262 14.78 12.10 -0.51
CA ILE A 262 13.39 12.34 -0.97
C ILE A 262 13.35 13.36 -2.11
N THR A 263 14.07 14.47 -1.96
CA THR A 263 13.97 15.56 -2.90
C THR A 263 14.74 15.25 -4.19
N GLN A 264 15.87 14.55 -4.08
CA GLN A 264 16.51 14.07 -5.30
C GLN A 264 15.70 12.97 -5.99
N ALA A 265 15.08 12.08 -5.21
CA ALA A 265 14.17 11.11 -5.81
C ALA A 265 12.98 11.79 -6.47
N ALA A 266 12.41 12.79 -5.81
CA ALA A 266 11.29 13.53 -6.37
C ALA A 266 11.64 14.19 -7.69
N ALA A 267 12.84 14.74 -7.81
CA ALA A 267 13.23 15.43 -9.02
C ALA A 267 13.37 14.45 -10.20
N ASP A 268 14.09 13.34 -9.99
CA ASP A 268 14.20 12.31 -11.01
C ASP A 268 12.83 11.79 -11.43
N SER A 269 12.02 11.37 -10.45
CA SER A 269 10.73 10.78 -10.75
C SER A 269 9.81 11.75 -11.49
N GLN A 270 9.93 13.05 -11.21
CA GLN A 270 9.18 14.05 -11.97
C GLN A 270 9.48 13.93 -13.46
N ALA A 271 10.77 13.88 -13.82
CA ALA A 271 11.12 13.80 -15.25
C ALA A 271 10.66 12.47 -15.84
N PHE A 272 10.91 11.37 -15.13
CA PHE A 272 10.37 10.08 -15.56
C PHE A 272 8.85 10.12 -15.68
N GLN A 273 8.21 10.80 -14.72
CA GLN A 273 6.76 10.88 -14.67
C GLN A 273 6.20 11.54 -15.92
N ARG A 274 6.68 12.75 -16.19
CA ARG A 274 6.11 13.54 -17.26
C ARG A 274 6.31 12.82 -18.57
N LYS A 275 7.45 12.16 -18.70
CA LYS A 275 7.73 11.44 -19.93
C LYS A 275 6.80 10.24 -20.06
N ALA A 276 6.58 9.52 -18.98
CA ALA A 276 5.72 8.35 -19.04
C ALA A 276 4.27 8.75 -19.26
N SER A 277 3.86 9.88 -18.70
CA SER A 277 2.48 10.34 -18.86
C SER A 277 2.18 10.67 -20.32
N ARG A 278 3.12 11.33 -20.98
CA ARG A 278 2.85 11.80 -22.35
C ARG A 278 3.01 10.67 -23.37
N GLN A 279 3.99 9.79 -23.21
CA GLN A 279 3.92 8.53 -23.95
C GLN A 279 2.61 7.80 -23.67
N GLY A 280 2.15 7.86 -22.41
CA GLY A 280 0.95 7.13 -22.03
C GLY A 280 -0.31 7.68 -22.66
N ASN A 281 -0.38 9.01 -22.83
CA ASN A 281 -1.54 9.59 -23.49
C ASN A 281 -1.59 9.20 -24.98
N GLU A 282 -0.41 9.09 -25.60
CA GLU A 282 -0.29 8.62 -26.98
C GLU A 282 -0.74 7.18 -27.09
N ASP A 283 -0.18 6.30 -26.25
CA ASP A 283 -0.62 4.91 -26.23
C ASP A 283 -2.10 4.80 -25.91
N ALA A 284 -2.58 5.62 -24.97
CA ALA A 284 -4.00 5.59 -24.62
C ALA A 284 -4.87 5.92 -25.84
N LEU A 285 -4.51 6.99 -26.55
CA LEU A 285 -5.26 7.35 -27.76
C LEU A 285 -5.30 6.19 -28.75
N LYS A 286 -4.13 5.63 -29.10
CA LYS A 286 -4.09 4.47 -29.96
C LYS A 286 -5.03 3.38 -29.47
N TYR A 287 -4.96 3.07 -28.18
CA TYR A 287 -5.71 1.94 -27.66
C TYR A 287 -7.20 2.19 -27.79
N LEU A 288 -7.67 3.33 -27.28
CA LEU A 288 -9.11 3.56 -27.26
C LEU A 288 -9.65 3.60 -28.71
N LYS A 289 -8.88 4.18 -29.63
CA LYS A 289 -9.26 4.17 -31.04
C LYS A 289 -9.27 2.75 -31.62
N GLU A 290 -8.20 1.97 -31.38
CA GLU A 290 -8.14 0.64 -31.97
C GLU A 290 -9.09 -0.33 -31.27
N HIS A 291 -9.53 0.04 -30.08
CA HIS A 291 -10.57 -0.70 -29.36
C HIS A 291 -11.96 -0.28 -29.82
N ASN A 292 -12.03 0.69 -30.72
CA ASN A 292 -13.28 1.16 -31.34
C ASN A 292 -14.19 1.85 -30.35
N VAL A 293 -13.62 2.58 -29.38
CA VAL A 293 -14.41 3.55 -28.62
C VAL A 293 -14.95 4.58 -29.59
N LYS A 294 -16.15 5.05 -29.37
CA LYS A 294 -16.71 6.05 -30.28
C LYS A 294 -16.18 7.41 -29.84
N VAL A 295 -15.22 7.92 -30.59
CA VAL A 295 -14.43 9.08 -30.26
C VAL A 295 -14.98 10.24 -31.06
N ALA A 296 -15.48 11.26 -30.38
CA ALA A 296 -15.87 12.50 -31.00
C ALA A 296 -14.91 13.63 -30.65
N GLU A 297 -15.17 14.78 -31.25
CA GLU A 297 -14.34 15.96 -31.09
C GLU A 297 -15.22 17.20 -31.12
N PHE A 298 -14.67 18.30 -30.62
CA PHE A 298 -15.37 19.58 -30.70
C PHE A 298 -14.93 20.30 -31.97
N SER A 299 -15.91 20.63 -32.84
CA SER A 299 -15.70 21.47 -34.02
C SER A 299 -14.82 22.67 -33.72
N THR A 300 -14.21 23.27 -34.75
CA THR A 300 -13.43 24.49 -34.55
C THR A 300 -14.23 25.51 -33.73
N GLU A 301 -15.51 25.66 -34.09
CA GLU A 301 -16.37 26.69 -33.53
C GLU A 301 -16.86 26.27 -32.14
N GLU A 302 -17.51 25.11 -32.06
CA GLU A 302 -18.04 24.54 -30.82
C GLU A 302 -17.04 24.77 -29.72
N ARG A 303 -15.75 24.67 -30.03
CA ARG A 303 -14.73 25.05 -29.05
C ARG A 303 -14.85 26.53 -28.67
N GLU A 304 -15.07 27.39 -29.66
CA GLU A 304 -15.24 28.81 -29.37
C GLU A 304 -16.58 29.06 -28.67
N LYS A 305 -17.64 28.42 -29.14
CA LYS A 305 -18.89 28.40 -28.39
C LYS A 305 -18.66 28.09 -26.91
N ILE A 306 -17.72 27.18 -26.61
CA ILE A 306 -17.44 26.85 -25.21
C ILE A 306 -16.85 28.06 -24.49
N ARG A 307 -15.93 28.78 -25.14
CA ARG A 307 -15.14 29.81 -24.45
C ARG A 307 -16.01 30.98 -24.00
N GLU A 308 -16.90 31.47 -24.87
CA GLU A 308 -17.78 32.56 -24.50
C GLU A 308 -18.68 32.18 -23.33
N LYS A 309 -19.10 30.91 -23.28
CA LYS A 309 -19.98 30.44 -22.21
C LYS A 309 -19.31 30.55 -20.86
N VAL A 310 -18.02 30.23 -20.79
CA VAL A 310 -17.31 30.16 -19.51
C VAL A 310 -16.78 31.52 -19.10
N ALA A 311 -16.27 32.30 -20.07
CA ALA A 311 -15.66 33.60 -19.82
C ALA A 311 -16.37 34.33 -18.69
N PRO A 312 -17.69 34.45 -18.72
CA PRO A 312 -18.36 35.10 -17.56
C PRO A 312 -18.18 34.34 -16.24
N ILE A 313 -18.47 33.04 -16.20
CA ILE A 313 -18.40 32.36 -14.92
C ILE A 313 -16.94 32.22 -14.47
N VAL A 314 -16.02 32.03 -15.42
CA VAL A 314 -14.60 32.20 -15.14
C VAL A 314 -14.34 33.54 -14.46
N GLU A 315 -14.86 34.62 -15.05
CA GLU A 315 -14.70 35.92 -14.43
C GLU A 315 -15.30 35.93 -13.03
N SER A 316 -16.46 35.29 -12.85
CA SER A 316 -17.08 35.24 -11.54
C SER A 316 -16.29 34.39 -10.55
N LEU A 317 -15.51 33.44 -11.05
CA LEU A 317 -14.78 32.55 -10.15
C LEU A 317 -13.45 33.14 -9.66
N LYS A 318 -12.96 34.26 -10.25
CA LYS A 318 -11.68 34.81 -9.83
C LYS A 318 -11.69 35.19 -8.36
N ALA A 319 -12.82 35.72 -7.89
CA ALA A 319 -12.92 36.14 -6.49
C ALA A 319 -12.75 34.98 -5.53
N LYS A 320 -13.17 33.79 -5.92
CA LYS A 320 -13.07 32.59 -5.10
C LYS A 320 -11.74 31.85 -5.22
N ILE A 321 -10.88 32.19 -6.17
CA ILE A 321 -9.56 31.60 -6.30
C ILE A 321 -8.47 32.51 -5.71
N GLY A 322 -8.56 33.82 -6.01
CA GLY A 322 -7.52 34.78 -5.72
C GLY A 322 -7.09 35.51 -6.98
N LYS A 323 -7.41 36.79 -7.08
CA LYS A 323 -7.14 37.55 -8.30
C LYS A 323 -5.66 37.51 -8.66
N GLU A 324 -4.77 37.70 -7.68
CA GLU A 324 -3.35 37.71 -7.99
C GLU A 324 -2.91 36.36 -8.53
N THR A 325 -3.50 35.28 -8.01
CA THR A 325 -3.16 33.94 -8.49
C THR A 325 -3.62 33.76 -9.93
N VAL A 326 -4.90 34.03 -10.17
CA VAL A 326 -5.46 33.82 -11.50
C VAL A 326 -4.70 34.65 -12.51
N GLU A 327 -4.44 35.91 -12.18
CA GLU A 327 -3.82 36.82 -13.14
C GLU A 327 -2.34 36.50 -13.32
N GLY A 328 -1.66 36.13 -12.24
CA GLY A 328 -0.28 35.71 -12.36
C GLY A 328 -0.14 34.45 -13.21
N VAL A 329 -1.00 33.48 -12.98
CA VAL A 329 -0.91 32.24 -13.75
C VAL A 329 -1.21 32.52 -15.23
N LEU A 330 -2.21 33.35 -15.50
CA LEU A 330 -2.54 33.67 -16.90
C LEU A 330 -1.42 34.45 -17.55
N ASP A 331 -0.81 35.39 -16.82
CA ASP A 331 0.34 36.11 -17.34
C ASP A 331 1.50 35.15 -17.59
N ALA A 332 1.79 34.26 -16.65
CA ALA A 332 2.87 33.31 -16.90
C ALA A 332 2.53 32.45 -18.11
N ALA A 333 1.27 32.02 -18.21
CA ALA A 333 0.89 31.15 -19.32
C ALA A 333 1.04 31.89 -20.65
N LYS A 334 0.79 33.21 -20.64
CA LYS A 334 0.91 34.01 -21.85
C LYS A 334 2.36 34.17 -22.28
N LYS A 335 3.27 34.40 -21.31
CA LYS A 335 4.68 34.52 -21.64
C LYS A 335 5.26 33.21 -22.15
N ALA A 336 4.85 32.08 -21.55
CA ALA A 336 5.41 30.78 -21.94
C ALA A 336 5.06 30.40 -23.37
N SER A 337 3.88 30.79 -23.84
CA SER A 337 3.43 30.41 -25.17
C SER A 337 3.86 31.44 -26.22
N ASP B 28 -13.67 -35.24 -10.55
CA ASP B 28 -13.19 -34.26 -11.53
C ASP B 28 -11.84 -33.73 -11.10
N ILE B 29 -10.83 -34.61 -11.01
CA ILE B 29 -9.51 -34.25 -10.51
C ILE B 29 -8.49 -34.78 -11.50
N LYS B 30 -7.76 -33.88 -12.17
CA LYS B 30 -6.74 -34.27 -13.14
C LYS B 30 -5.36 -34.13 -12.55
N PRO B 31 -4.37 -34.78 -13.15
CA PRO B 31 -2.99 -34.68 -12.66
C PRO B 31 -2.54 -33.23 -12.52
N ARG B 32 -1.81 -32.96 -11.42
CA ARG B 32 -1.48 -31.60 -11.04
C ARG B 32 -0.22 -31.61 -10.18
N ILE B 33 0.72 -30.73 -10.49
CA ILE B 33 1.93 -30.56 -9.70
C ILE B 33 1.88 -29.16 -9.10
N ILE B 34 2.04 -29.07 -7.78
CA ILE B 34 1.68 -27.89 -7.01
C ILE B 34 2.88 -27.50 -6.16
N ARG B 35 3.32 -26.26 -6.27
CA ARG B 35 4.56 -25.81 -5.65
C ARG B 35 4.32 -24.99 -4.38
N PHE B 36 5.08 -25.30 -3.33
CA PHE B 36 4.84 -24.79 -1.98
C PHE B 36 6.20 -24.43 -1.37
N GLY B 37 6.62 -23.17 -1.56
CA GLY B 37 7.83 -22.70 -0.95
C GLY B 37 7.56 -22.05 0.39
N TYR B 38 8.58 -21.97 1.22
CA TYR B 38 8.46 -21.33 2.53
C TYR B 38 9.82 -20.94 3.06
N GLY B 39 9.79 -20.17 4.15
CA GLY B 39 11.02 -19.57 4.64
C GLY B 39 11.76 -20.40 5.66
N LEU B 40 11.03 -20.92 6.65
CA LEU B 40 11.57 -21.72 7.73
C LEU B 40 12.26 -22.99 7.21
N ALA B 41 13.10 -23.58 8.08
CA ALA B 41 13.77 -24.83 7.77
C ALA B 41 12.76 -25.96 7.63
N ASP B 42 13.18 -27.03 6.93
CA ASP B 42 12.25 -28.11 6.60
C ASP B 42 11.90 -28.93 7.83
N ASP B 43 12.74 -28.89 8.86
CA ASP B 43 12.45 -29.58 10.09
C ASP B 43 11.84 -28.68 11.17
N SER B 44 11.44 -27.44 10.82
CA SER B 44 10.56 -26.71 11.73
C SER B 44 9.25 -27.45 11.86
N PRO B 45 8.45 -27.16 12.90
CA PRO B 45 7.09 -27.73 12.91
C PRO B 45 6.27 -27.33 11.67
N THR B 46 6.31 -26.07 11.24
CA THR B 46 5.58 -25.67 10.06
C THR B 46 6.15 -26.33 8.81
N GLY B 47 7.46 -26.59 8.78
CA GLY B 47 8.02 -27.31 7.65
C GLY B 47 7.44 -28.70 7.55
N LYS B 48 7.23 -29.34 8.71
CA LYS B 48 6.66 -30.68 8.74
C LYS B 48 5.17 -30.66 8.44
N ALA B 49 4.46 -29.63 8.92
CA ALA B 49 3.07 -29.48 8.54
C ALA B 49 2.93 -29.26 7.04
N SER B 50 3.89 -28.61 6.41
CA SER B 50 3.83 -28.44 4.97
C SER B 50 3.93 -29.78 4.27
N ALA B 51 4.84 -30.64 4.74
CA ALA B 51 4.92 -32.00 4.21
C ALA B 51 3.64 -32.77 4.49
N HIS B 52 3.06 -32.56 5.67
CA HIS B 52 1.79 -33.19 5.98
C HIS B 52 0.71 -32.76 5.00
N PHE B 53 0.66 -31.46 4.68
CA PHE B 53 -0.29 -30.98 3.68
C PHE B 53 -0.08 -31.70 2.35
N ALA B 54 1.18 -31.77 1.90
CA ALA B 54 1.52 -32.50 0.68
C ALA B 54 0.97 -33.93 0.71
N GLU B 55 1.05 -34.60 1.87
CA GLU B 55 0.58 -35.98 1.95
C GLU B 55 -0.92 -36.05 1.83
N VAL B 56 -1.63 -35.10 2.46
CA VAL B 56 -3.09 -35.14 2.48
C VAL B 56 -3.64 -34.78 1.10
N VAL B 57 -3.05 -33.77 0.46
CA VAL B 57 -3.47 -33.44 -0.91
C VAL B 57 -3.37 -34.69 -1.79
N SER B 58 -2.27 -35.43 -1.67
CA SER B 58 -2.03 -36.59 -2.54
C SER B 58 -3.00 -37.73 -2.25
N LYS B 59 -3.34 -37.95 -0.97
CA LYS B 59 -4.37 -38.91 -0.59
C LYS B 59 -5.72 -38.53 -1.17
N LEU B 60 -6.21 -37.33 -0.87
CA LEU B 60 -7.56 -36.97 -1.32
C LEU B 60 -7.65 -36.92 -2.84
N SER B 61 -6.49 -36.84 -3.50
CA SER B 61 -6.37 -36.70 -4.94
C SER B 61 -6.03 -38.01 -5.64
N ASP B 62 -6.01 -39.11 -4.88
CA ASP B 62 -5.54 -40.40 -5.39
C ASP B 62 -4.22 -40.27 -6.13
N GLY B 63 -3.38 -39.35 -5.66
CA GLY B 63 -2.04 -39.21 -6.18
C GLY B 63 -1.93 -38.27 -7.34
N LYS B 64 -3.07 -37.78 -7.86
CA LYS B 64 -3.03 -36.95 -9.06
C LYS B 64 -2.53 -35.55 -8.75
N MET B 65 -2.82 -35.05 -7.57
CA MET B 65 -2.44 -33.70 -7.16
C MET B 65 -1.21 -33.86 -6.26
N LYS B 66 -0.05 -33.48 -6.73
CA LYS B 66 1.20 -33.65 -5.99
C LYS B 66 1.75 -32.27 -5.65
N VAL B 67 1.88 -32.03 -4.37
CA VAL B 67 2.50 -30.83 -3.81
C VAL B 67 3.98 -31.11 -3.67
N LYS B 68 4.82 -30.21 -4.19
CA LYS B 68 6.27 -30.24 -3.97
C LYS B 68 6.65 -29.04 -3.08
N THR B 69 7.30 -29.31 -1.96
CA THR B 69 7.69 -28.23 -1.05
C THR B 69 9.14 -27.85 -1.28
N PHE B 70 9.40 -26.53 -1.18
CA PHE B 70 10.71 -25.90 -1.32
C PHE B 70 11.04 -25.08 -0.05
N GLY B 71 11.54 -25.76 0.95
CA GLY B 71 11.77 -25.13 2.24
C GLY B 71 13.03 -24.29 2.31
N ASN B 72 13.18 -23.67 3.49
CA ASN B 72 14.41 -22.98 3.90
C ASN B 72 14.75 -21.82 2.98
N GLY B 73 13.72 -21.11 2.52
CA GLY B 73 14.01 -19.98 1.68
C GLY B 73 14.36 -20.30 0.24
N ALA B 74 14.23 -21.56 -0.18
CA ALA B 74 14.65 -21.94 -1.53
C ALA B 74 13.94 -21.11 -2.60
N LEU B 75 12.62 -20.90 -2.48
CA LEU B 75 11.87 -20.06 -3.42
C LEU B 75 11.79 -18.59 -2.96
N GLY B 76 12.60 -18.23 -1.98
CA GLY B 76 12.70 -16.86 -1.52
C GLY B 76 11.96 -16.62 -0.23
N PRO B 77 12.14 -15.42 0.31
CA PRO B 77 11.43 -15.03 1.53
C PRO B 77 9.96 -14.69 1.26
N ASP B 78 9.24 -14.53 2.37
CA ASP B 78 7.82 -14.22 2.38
C ASP B 78 7.42 -13.27 1.26
N GLU B 79 8.16 -12.17 1.14
CA GLU B 79 7.81 -11.10 0.22
C GLU B 79 7.82 -11.59 -1.22
N GLN B 80 8.85 -12.37 -1.60
CA GLN B 80 8.89 -12.96 -2.93
C GLN B 80 7.82 -14.03 -3.08
N LEU B 81 7.54 -14.79 -2.00
CA LEU B 81 6.53 -15.85 -2.09
C LEU B 81 5.15 -15.26 -2.33
N ILE B 82 4.80 -14.21 -1.58
CA ILE B 82 3.57 -13.46 -1.81
C ILE B 82 3.41 -13.12 -3.29
N ASN B 83 4.46 -12.52 -3.88
CA ASN B 83 4.36 -12.08 -5.27
C ASN B 83 4.27 -13.24 -6.22
N SER B 84 4.88 -14.37 -5.88
CA SER B 84 4.77 -15.56 -6.72
C SER B 84 3.34 -16.05 -6.79
N LEU B 85 2.65 -16.02 -5.66
CA LEU B 85 1.29 -16.51 -5.63
C LEU B 85 0.36 -15.54 -6.35
N ILE B 86 0.65 -14.24 -6.25
CA ILE B 86 -0.06 -13.23 -7.02
C ILE B 86 0.06 -13.56 -8.50
N SER B 87 1.29 -13.54 -8.99
CA SER B 87 1.58 -13.73 -10.40
C SER B 87 1.27 -15.13 -10.90
N GLY B 88 1.14 -16.12 -10.03
CA GLY B 88 0.89 -17.46 -10.47
C GLY B 88 2.12 -18.33 -10.63
N SER B 89 3.33 -17.77 -10.52
CA SER B 89 4.53 -18.60 -10.55
C SER B 89 4.60 -19.58 -9.38
N GLY B 90 3.82 -19.35 -8.31
CA GLY B 90 3.73 -20.32 -7.25
C GLY B 90 2.29 -20.51 -6.79
N GLU B 91 2.05 -21.65 -6.16
CA GLU B 91 0.66 -22.03 -5.90
C GLU B 91 0.26 -21.91 -4.44
N ILE B 92 1.10 -22.39 -3.52
CA ILE B 92 0.80 -22.42 -2.09
C ILE B 92 2.03 -21.89 -1.36
N THR B 93 1.79 -21.10 -0.29
CA THR B 93 2.83 -20.79 0.73
C THR B 93 2.16 -20.60 2.09
N PHE B 94 3.00 -20.44 3.13
CA PHE B 94 2.59 -19.88 4.41
C PHE B 94 3.55 -18.71 4.67
N VAL B 95 3.04 -17.58 5.12
CA VAL B 95 3.86 -16.41 5.38
C VAL B 95 3.32 -15.79 6.66
N SER B 96 4.19 -15.07 7.34
CA SER B 96 3.79 -14.27 8.47
C SER B 96 2.87 -13.15 8.01
N THR B 97 2.02 -12.70 8.93
CA THR B 97 1.08 -11.59 8.66
C THR B 97 1.80 -10.29 8.37
N ALA B 98 2.93 -10.05 9.01
CA ALA B 98 3.60 -8.76 8.85
C ALA B 98 3.86 -8.35 7.41
N PRO B 99 4.51 -9.18 6.56
CA PRO B 99 4.78 -8.74 5.16
C PRO B 99 3.52 -8.57 4.33
N ILE B 100 2.38 -9.10 4.78
CA ILE B 100 1.11 -8.77 4.13
C ILE B 100 0.72 -7.34 4.42
N ALA B 101 1.25 -6.73 5.47
CA ALA B 101 0.86 -5.36 5.78
C ALA B 101 1.25 -4.39 4.67
N SER B 102 2.25 -4.75 3.87
CA SER B 102 2.67 -3.98 2.72
C SER B 102 1.65 -4.02 1.59
N LEU B 103 0.62 -4.82 1.71
CA LEU B 103 -0.46 -4.90 0.74
C LEU B 103 -1.83 -4.61 1.35
N ILE B 104 -2.06 -5.09 2.56
CA ILE B 104 -3.28 -4.87 3.32
C ILE B 104 -2.88 -4.39 4.72
N PRO B 105 -2.85 -3.07 4.95
CA PRO B 105 -2.34 -2.57 6.23
C PRO B 105 -2.97 -3.18 7.46
N GLU B 106 -4.22 -3.62 7.36
CA GLU B 106 -4.93 -4.12 8.54
C GLU B 106 -4.21 -5.31 9.15
N PHE B 107 -3.42 -6.03 8.36
CA PHE B 107 -2.71 -7.19 8.87
C PHE B 107 -1.58 -6.80 9.81
N GLY B 108 -1.22 -5.51 9.83
CA GLY B 108 -0.26 -5.03 10.80
C GLY B 108 -0.74 -5.13 12.22
N VAL B 109 -2.02 -5.44 12.43
CA VAL B 109 -2.54 -5.52 13.78
C VAL B 109 -1.72 -6.48 14.62
N PHE B 110 -1.30 -7.62 14.04
CA PHE B 110 -0.66 -8.69 14.82
C PHE B 110 0.75 -8.36 15.29
N ASP B 111 1.35 -7.27 14.80
CA ASP B 111 2.63 -6.81 15.35
C ASP B 111 2.48 -5.88 16.56
N LEU B 112 1.27 -5.58 16.99
CA LEU B 112 1.11 -4.88 18.26
C LEU B 112 1.45 -5.84 19.41
N PRO B 113 2.25 -5.42 20.38
CA PRO B 113 2.63 -6.34 21.48
C PRO B 113 1.44 -6.66 22.37
N PHE B 114 1.45 -7.89 22.89
CA PHE B 114 0.49 -8.35 23.91
C PHE B 114 -0.96 -8.27 23.44
N LEU B 115 -1.18 -8.51 22.16
CA LEU B 115 -2.53 -8.70 21.67
C LEU B 115 -3.22 -9.90 22.33
N PHE B 116 -2.53 -11.04 22.38
CA PHE B 116 -3.12 -12.29 22.81
C PHE B 116 -2.40 -12.83 24.05
N ASP B 117 -3.20 -13.11 25.10
CA ASP B 117 -2.64 -13.64 26.33
C ASP B 117 -2.07 -15.02 26.12
N ASN B 118 -2.61 -15.79 25.17
CA ASN B 118 -2.17 -17.16 24.99
C ASN B 118 -2.67 -17.71 23.65
N GLU B 119 -2.20 -18.91 23.32
CA GLU B 119 -2.48 -19.52 22.04
C GLU B 119 -3.95 -19.85 21.87
N LYS B 120 -4.66 -20.06 22.96
CA LYS B 120 -6.07 -20.38 22.85
C LYS B 120 -6.88 -19.15 22.47
N VAL B 121 -6.57 -18.01 23.09
CA VAL B 121 -7.13 -16.75 22.62
C VAL B 121 -6.81 -16.57 21.14
N ALA B 122 -5.55 -16.83 20.77
CA ALA B 122 -5.14 -16.66 19.39
C ALA B 122 -6.01 -17.51 18.47
N ASP B 123 -6.17 -18.80 18.81
CA ASP B 123 -6.96 -19.69 17.97
C ASP B 123 -8.40 -19.19 17.88
N THR B 124 -8.96 -18.78 19.01
CA THR B 124 -10.33 -18.30 19.03
C THR B 124 -10.49 -17.05 18.18
N VAL B 125 -9.52 -16.12 18.27
CA VAL B 125 -9.68 -14.89 17.51
C VAL B 125 -9.48 -15.14 16.04
N LEU B 126 -8.38 -15.82 15.70
CA LEU B 126 -8.03 -16.03 14.29
C LEU B 126 -9.09 -16.84 13.57
N ASP B 127 -9.61 -17.86 14.23
CA ASP B 127 -10.62 -18.72 13.61
C ASP B 127 -12.00 -18.11 13.66
N GLY B 128 -12.16 -16.92 14.25
CA GLY B 128 -13.46 -16.30 14.37
C GLY B 128 -13.60 -15.07 13.50
N PRO B 129 -14.68 -14.31 13.73
CA PRO B 129 -15.06 -13.28 12.74
C PRO B 129 -13.95 -12.28 12.46
N GLU B 130 -13.14 -11.92 13.45
CA GLU B 130 -12.14 -10.88 13.19
C GLU B 130 -11.00 -11.42 12.31
N GLY B 131 -10.60 -12.67 12.50
CA GLY B 131 -9.63 -13.23 11.58
C GLY B 131 -10.19 -13.37 10.18
N LYS B 132 -11.45 -13.76 10.07
CA LYS B 132 -12.03 -13.93 8.75
C LYS B 132 -12.18 -12.62 8.01
N LYS B 133 -12.41 -11.50 8.73
CA LYS B 133 -12.53 -10.23 8.04
C LYS B 133 -11.22 -9.89 7.30
N LEU B 134 -10.09 -10.21 7.93
CA LEU B 134 -8.79 -9.96 7.29
C LEU B 134 -8.51 -10.94 6.13
N LEU B 135 -8.82 -12.21 6.31
CA LEU B 135 -8.66 -13.14 5.19
C LEU B 135 -9.51 -12.72 3.99
N ASP B 136 -10.67 -12.10 4.23
CA ASP B 136 -11.57 -11.68 3.15
C ASP B 136 -10.99 -10.57 2.27
N LYS B 137 -9.98 -9.85 2.76
CA LYS B 137 -9.34 -8.79 1.99
C LYS B 137 -8.31 -9.30 1.01
N LEU B 138 -8.00 -10.61 1.01
CA LEU B 138 -6.87 -11.13 0.22
C LEU B 138 -7.21 -11.33 -1.25
N PRO B 139 -8.38 -11.84 -1.59
CA PRO B 139 -8.68 -12.07 -3.01
C PRO B 139 -8.54 -10.81 -3.85
N ALA B 140 -8.94 -9.65 -3.31
CA ALA B 140 -8.71 -8.39 -3.99
C ALA B 140 -7.25 -8.19 -4.39
N LYS B 141 -6.31 -8.80 -3.65
CA LYS B 141 -4.88 -8.71 -3.93
C LYS B 141 -4.37 -9.94 -4.68
N GLY B 142 -5.24 -10.86 -5.07
CA GLY B 142 -4.82 -12.02 -5.80
C GLY B 142 -4.43 -13.17 -4.93
N LEU B 143 -4.92 -13.21 -3.69
CA LEU B 143 -4.52 -14.21 -2.73
C LEU B 143 -5.76 -14.85 -2.12
N ILE B 144 -5.61 -16.12 -1.76
CA ILE B 144 -6.63 -16.86 -1.03
C ILE B 144 -6.03 -17.19 0.33
N GLY B 145 -6.59 -16.63 1.39
CA GLY B 145 -6.23 -17.08 2.74
C GLY B 145 -7.01 -18.31 3.14
N LEU B 146 -6.40 -19.49 3.02
CA LEU B 146 -7.13 -20.73 3.28
C LEU B 146 -7.43 -20.88 4.77
N ASN B 147 -6.52 -20.45 5.63
CA ASN B 147 -6.80 -20.35 7.07
C ASN B 147 -5.50 -19.86 7.73
N TYR B 148 -5.52 -19.72 9.06
CA TYR B 148 -4.36 -19.29 9.81
C TYR B 148 -3.64 -20.49 10.40
N TRP B 149 -2.30 -20.45 10.35
CA TRP B 149 -1.39 -21.35 11.04
C TRP B 149 -0.68 -20.54 12.13
N GLU B 150 0.08 -21.23 12.94
CA GLU B 150 0.75 -20.59 14.07
C GLU B 150 2.23 -20.43 13.77
N ASN B 151 2.69 -19.18 13.73
CA ASN B 151 4.12 -18.93 13.91
C ASN B 151 4.43 -18.94 15.41
N GLY B 152 3.95 -17.93 16.12
CA GLY B 152 3.96 -18.03 17.57
C GLY B 152 4.38 -16.82 18.34
N PHE B 153 4.43 -16.97 19.66
CA PHE B 153 4.98 -15.92 20.51
C PHE B 153 6.46 -15.77 20.22
N ARG B 154 6.89 -14.53 20.08
CA ARG B 154 8.25 -14.21 19.67
C ARG B 154 9.11 -13.83 20.88
N ASN B 155 10.38 -14.24 20.85
CA ASN B 155 11.30 -13.97 21.95
C ASN B 155 12.61 -13.39 21.43
N ILE B 156 13.20 -12.56 22.27
CA ILE B 156 14.32 -11.76 21.82
C ILE B 156 15.66 -12.46 22.11
N THR B 157 16.54 -12.33 21.14
CA THR B 157 17.76 -13.09 20.97
C THR B 157 18.79 -12.04 20.57
N ASN B 158 20.00 -12.13 21.10
CA ASN B 158 21.04 -11.19 20.68
C ASN B 158 22.41 -11.72 21.09
N SER B 159 23.44 -11.05 20.59
CA SER B 159 24.83 -11.42 20.85
C SER B 159 25.61 -10.35 21.59
N ARG B 160 24.98 -9.24 21.99
CA ARG B 160 25.73 -8.14 22.58
C ARG B 160 25.80 -8.28 24.10
N HIS B 161 24.65 -8.36 24.75
CA HIS B 161 24.62 -8.53 26.20
C HIS B 161 23.26 -9.11 26.57
N GLU B 162 23.18 -9.58 27.81
CA GLU B 162 21.93 -10.14 28.29
C GLU B 162 20.85 -9.03 28.35
N ILE B 163 19.59 -9.44 28.15
CA ILE B 163 18.45 -8.54 28.14
C ILE B 163 17.49 -9.04 29.21
N SER B 164 17.51 -8.41 30.38
CA SER B 164 16.58 -8.76 31.46
C SER B 164 15.66 -7.61 31.86
N LYS B 165 16.00 -6.37 31.50
CA LYS B 165 15.12 -5.23 31.70
C LYS B 165 14.95 -4.47 30.40
N LEU B 166 13.81 -3.78 30.29
CA LEU B 166 13.48 -3.01 29.10
C LEU B 166 14.61 -2.07 28.71
N ASP B 167 15.38 -1.58 29.70
CA ASP B 167 16.48 -0.67 29.41
C ASP B 167 17.64 -1.35 28.66
N ASP B 168 17.83 -2.65 28.85
CA ASP B 168 18.87 -3.37 28.12
C ASP B 168 18.67 -3.32 26.61
N ILE B 169 17.46 -3.03 26.14
CA ILE B 169 17.26 -3.01 24.69
C ILE B 169 17.89 -1.78 24.10
N GLY B 170 18.15 -0.73 24.90
CA GLY B 170 18.56 0.52 24.32
C GLY B 170 19.72 0.41 23.37
N GLY B 171 19.56 0.94 22.16
CA GLY B 171 20.66 0.93 21.20
C GLY B 171 20.99 -0.41 20.60
N ILE B 172 20.28 -1.48 20.95
CA ILE B 172 20.53 -2.77 20.30
C ILE B 172 20.19 -2.68 18.82
N LYS B 173 21.08 -3.20 17.97
CA LYS B 173 20.77 -3.30 16.53
C LYS B 173 19.91 -4.54 16.34
N LEU B 174 18.61 -4.36 16.33
CA LEU B 174 17.67 -5.46 16.25
C LEU B 174 17.03 -5.54 14.87
N ARG B 175 17.21 -6.66 14.18
CA ARG B 175 16.42 -6.95 12.98
C ARG B 175 14.96 -7.12 13.37
N VAL B 176 14.08 -6.46 12.64
CA VAL B 176 12.65 -6.67 12.75
C VAL B 176 12.07 -7.15 11.40
N MET B 177 10.80 -7.54 11.43
CA MET B 177 10.08 -7.86 10.21
C MET B 177 9.78 -6.56 9.47
N GLN B 178 9.52 -6.67 8.16
CA GLN B 178 9.53 -5.53 7.25
C GLN B 178 8.12 -4.93 7.17
N ASN B 179 7.85 -4.00 8.09
CA ASN B 179 6.55 -3.47 8.45
C ASN B 179 6.75 -2.22 9.30
N GLN B 180 5.94 -1.19 9.03
CA GLN B 180 6.04 0.05 9.83
C GLN B 180 5.71 -0.20 11.30
N VAL B 181 4.76 -1.11 11.57
CA VAL B 181 4.35 -1.38 12.93
C VAL B 181 5.50 -1.99 13.71
N ALA B 182 6.23 -2.92 13.11
CA ALA B 182 7.30 -3.63 13.81
C ALA B 182 8.47 -2.69 14.05
N LEU B 183 8.79 -1.90 13.03
CA LEU B 183 9.85 -0.92 13.16
C LEU B 183 9.52 0.12 14.21
N SER B 184 8.27 0.58 14.24
CA SER B 184 7.88 1.63 15.17
C SER B 184 7.80 1.11 16.60
N VAL B 185 7.32 -0.13 16.77
CA VAL B 185 7.24 -0.70 18.12
C VAL B 185 8.64 -0.83 18.74
N PHE B 186 9.61 -1.36 17.99
CA PHE B 186 10.90 -1.60 18.62
C PHE B 186 11.70 -0.31 18.75
N LYS B 187 11.60 0.55 17.74
CA LYS B 187 12.16 1.89 17.79
C LYS B 187 11.76 2.57 19.08
N GLY B 188 10.47 2.49 19.44
CA GLY B 188 9.98 3.04 20.70
C GLY B 188 10.44 2.30 21.95
N LEU B 189 10.79 1.03 21.83
CA LEU B 189 11.41 0.31 22.94
C LEU B 189 12.91 0.60 23.03
N GLY B 190 13.43 1.46 22.14
CA GLY B 190 14.77 1.98 22.22
C GLY B 190 15.78 1.31 21.32
N ALA B 191 15.39 0.25 20.60
CA ALA B 191 16.34 -0.46 19.76
C ALA B 191 16.59 0.35 18.48
N ASN B 192 17.63 -0.02 17.74
CA ASN B 192 17.83 0.40 16.36
C ASN B 192 17.20 -0.71 15.50
N ALA B 193 15.99 -0.45 15.02
CA ALA B 193 15.19 -1.45 14.33
C ALA B 193 15.59 -1.50 12.87
N ILE B 194 16.05 -2.68 12.48
CA ILE B 194 16.63 -2.94 11.17
C ILE B 194 15.72 -3.90 10.43
N PRO B 195 14.88 -3.43 9.54
CA PRO B 195 14.00 -4.35 8.81
C PRO B 195 14.80 -5.23 7.88
N MET B 196 14.58 -6.54 7.98
CA MET B 196 15.24 -7.38 6.98
C MET B 196 14.41 -8.61 6.63
N PRO B 197 14.55 -9.11 5.41
CA PRO B 197 13.93 -10.41 5.08
C PRO B 197 14.52 -11.53 5.92
N PHE B 198 13.66 -12.48 6.31
CA PHE B 198 14.05 -13.62 7.12
C PHE B 198 15.19 -14.40 6.50
N THR B 199 15.17 -14.58 5.17
CA THR B 199 16.19 -15.39 4.50
C THR B 199 17.59 -14.77 4.59
N GLU B 200 17.72 -13.50 4.96
CA GLU B 200 19.02 -12.90 5.17
C GLU B 200 19.46 -12.86 6.66
N LEU B 201 18.65 -13.41 7.55
CA LEU B 201 18.84 -13.15 8.98
C LEU B 201 20.09 -13.85 9.52
N PHE B 202 20.24 -15.14 9.24
CA PHE B 202 21.32 -15.91 9.85
C PHE B 202 22.66 -15.20 9.64
N THR B 203 22.96 -14.82 8.40
CA THR B 203 24.23 -14.20 8.07
C THR B 203 24.38 -12.83 8.71
N ALA B 204 23.27 -12.12 8.89
CA ALA B 204 23.35 -10.83 9.60
C ALA B 204 23.72 -11.03 11.08
N LEU B 205 23.18 -12.08 11.72
CA LEU B 205 23.54 -12.37 13.11
C LEU B 205 24.98 -12.85 13.22
N GLU B 206 25.35 -13.83 12.37
CA GLU B 206 26.68 -14.42 12.42
C GLU B 206 27.75 -13.37 12.20
N THR B 207 27.52 -12.46 11.24
CA THR B 207 28.47 -11.39 10.95
C THR B 207 28.35 -10.22 11.92
N LYS B 208 27.39 -10.23 12.85
CA LYS B 208 27.11 -9.12 13.76
C LYS B 208 26.80 -7.81 13.03
N THR B 209 26.35 -7.88 11.78
CA THR B 209 25.75 -6.70 11.17
C THR B 209 24.58 -6.23 12.00
N VAL B 210 23.88 -7.16 12.61
CA VAL B 210 22.80 -6.92 13.55
C VAL B 210 23.22 -7.63 14.81
N ASP B 211 22.81 -7.08 15.98
CA ASP B 211 23.08 -7.74 17.26
C ASP B 211 22.06 -8.83 17.56
N GLY B 212 20.81 -8.67 17.17
CA GLY B 212 19.79 -9.59 17.64
C GLY B 212 18.60 -9.65 16.71
N GLN B 213 17.57 -10.34 17.21
CA GLN B 213 16.35 -10.62 16.42
C GLN B 213 15.31 -11.13 17.38
N GLU B 214 14.10 -11.32 16.90
CA GLU B 214 13.08 -11.97 17.73
C GLU B 214 12.23 -12.89 16.88
N ASN B 215 11.98 -14.09 17.41
CA ASN B 215 11.23 -15.12 16.72
C ASN B 215 10.80 -16.15 17.77
N PRO B 216 9.88 -17.04 17.40
CA PRO B 216 9.52 -18.12 18.33
C PRO B 216 10.70 -19.04 18.57
N LEU B 217 10.66 -19.71 19.73
CA LEU B 217 11.77 -20.57 20.13
C LEU B 217 12.08 -21.64 19.09
N SER B 218 11.04 -22.26 18.51
CA SER B 218 11.29 -23.34 17.54
C SER B 218 12.02 -22.86 16.30
N THR B 219 11.82 -21.60 15.91
CA THR B 219 12.59 -21.00 14.82
C THR B 219 14.01 -20.66 15.25
N ILE B 220 14.17 -20.11 16.46
CA ILE B 220 15.50 -19.84 16.96
C ILE B 220 16.32 -21.13 16.91
N GLN B 221 15.69 -22.25 17.26
CA GLN B 221 16.31 -23.55 17.14
C GLN B 221 16.57 -24.00 15.71
N THR B 222 15.48 -24.26 14.98
CA THR B 222 15.62 -24.98 13.72
C THR B 222 16.26 -24.16 12.61
N SER B 223 16.28 -22.84 12.74
CA SER B 223 17.11 -22.00 11.88
C SER B 223 18.48 -21.77 12.53
N LYS B 224 18.72 -22.38 13.69
CA LYS B 224 20.05 -22.45 14.27
C LYS B 224 20.58 -21.06 14.63
N PHE B 225 19.68 -20.12 14.90
CA PHE B 225 20.12 -18.78 15.32
C PHE B 225 20.91 -18.83 16.62
N TYR B 226 20.64 -19.83 17.48
CA TYR B 226 21.34 -19.91 18.76
C TYR B 226 22.84 -20.10 18.57
N GLU B 227 23.25 -20.68 17.42
CA GLU B 227 24.67 -20.87 17.15
C GLU B 227 25.40 -19.54 17.11
N VAL B 228 24.67 -18.43 16.87
CA VAL B 228 25.32 -17.13 16.79
C VAL B 228 24.62 -16.14 17.69
N GLN B 229 23.76 -16.63 18.58
CA GLN B 229 23.10 -15.77 19.57
C GLN B 229 23.26 -16.36 20.97
N PRO B 230 24.19 -15.83 21.77
CA PRO B 230 24.43 -16.46 23.11
C PRO B 230 23.36 -16.11 24.12
N TYR B 231 22.53 -15.09 23.86
CA TYR B 231 21.56 -14.58 24.84
C TYR B 231 20.16 -14.73 24.28
N LEU B 232 19.25 -15.22 25.10
CA LEU B 232 17.83 -15.33 24.83
C LEU B 232 17.05 -14.70 25.97
N THR B 233 16.02 -13.89 25.65
CA THR B 233 15.04 -13.40 26.62
C THR B 233 13.65 -13.90 26.26
N LEU B 234 12.98 -14.53 27.24
CA LEU B 234 11.61 -15.04 27.04
C LEU B 234 10.63 -13.88 27.25
N SER B 235 10.62 -13.01 26.23
CA SER B 235 9.75 -11.85 26.23
C SER B 235 8.30 -12.21 25.86
N ASN B 236 8.07 -13.16 24.97
CA ASN B 236 6.75 -13.43 24.41
C ASN B 236 5.97 -12.15 24.08
N HIS B 237 6.64 -11.21 23.44
CA HIS B 237 6.13 -9.85 23.33
C HIS B 237 5.11 -9.67 22.22
N VAL B 238 5.13 -10.50 21.19
CA VAL B 238 4.17 -10.40 20.08
C VAL B 238 3.79 -11.82 19.67
N TYR B 239 2.53 -11.99 19.25
CA TYR B 239 2.08 -13.23 18.62
C TYR B 239 1.93 -13.04 17.11
N THR B 240 2.64 -13.83 16.35
CA THR B 240 2.56 -13.78 14.88
C THR B 240 1.74 -14.93 14.34
N PRO B 241 0.60 -14.69 13.69
CA PRO B 241 -0.04 -15.76 12.93
C PRO B 241 0.66 -15.94 11.60
N PHE B 242 0.67 -17.18 11.11
CA PHE B 242 0.92 -17.48 9.70
C PHE B 242 -0.40 -17.44 8.96
N VAL B 243 -0.40 -16.93 7.73
CA VAL B 243 -1.54 -17.10 6.83
C VAL B 243 -1.16 -18.17 5.83
N PHE B 244 -1.97 -19.23 5.75
CA PHE B 244 -1.76 -20.30 4.80
C PHE B 244 -2.46 -19.89 3.49
N LEU B 245 -1.67 -19.71 2.45
CA LEU B 245 -2.10 -18.99 1.26
C LEU B 245 -2.13 -19.89 0.02
N ALA B 246 -3.12 -19.65 -0.84
CA ALA B 246 -3.17 -20.17 -2.20
C ALA B 246 -3.14 -19.00 -3.19
N SER B 247 -2.58 -19.26 -4.38
CA SER B 247 -2.69 -18.32 -5.50
C SER B 247 -4.15 -18.22 -5.96
N LYS B 248 -4.70 -17.00 -5.96
CA LYS B 248 -6.07 -16.84 -6.47
C LYS B 248 -6.13 -17.19 -7.96
N LYS B 249 -5.15 -16.75 -8.74
CA LYS B 249 -5.14 -17.05 -10.15
C LYS B 249 -5.19 -18.56 -10.36
N TRP B 250 -4.31 -19.29 -9.68
CA TRP B 250 -4.28 -20.74 -9.75
C TRP B 250 -5.54 -21.37 -9.16
N PHE B 251 -5.97 -20.89 -8.00
CA PHE B 251 -7.09 -21.54 -7.30
C PHE B 251 -8.37 -21.52 -8.13
N ASP B 252 -8.66 -20.38 -8.78
CA ASP B 252 -9.94 -20.18 -9.48
C ASP B 252 -10.06 -21.06 -10.74
N GLN B 253 -8.94 -21.57 -11.23
CA GLN B 253 -8.87 -22.48 -12.36
C GLN B 253 -9.02 -23.94 -11.94
N LEU B 254 -9.07 -24.21 -10.64
CA LEU B 254 -9.32 -25.57 -10.21
C LEU B 254 -10.81 -25.90 -10.33
N SER B 255 -11.10 -27.19 -10.42
CA SER B 255 -12.46 -27.68 -10.35
C SER B 255 -12.89 -27.70 -8.89
N GLN B 256 -14.20 -27.56 -8.68
CA GLN B 256 -14.71 -27.55 -7.32
C GLN B 256 -14.22 -28.77 -6.56
N ASP B 257 -14.10 -29.90 -7.23
CA ASP B 257 -13.51 -31.07 -6.57
C ASP B 257 -12.07 -30.79 -6.19
N GLU B 258 -11.33 -30.10 -7.06
CA GLU B 258 -9.92 -29.83 -6.75
C GLU B 258 -9.77 -28.78 -5.65
N LYS B 259 -10.67 -27.81 -5.58
CA LYS B 259 -10.62 -26.85 -4.50
C LYS B 259 -10.90 -27.52 -3.17
N ASP B 260 -11.82 -28.50 -3.15
CA ASP B 260 -12.14 -29.17 -1.89
C ASP B 260 -10.97 -30.03 -1.41
N VAL B 261 -10.15 -30.54 -2.33
CA VAL B 261 -8.92 -31.20 -1.90
C VAL B 261 -8.04 -30.20 -1.20
N ILE B 262 -7.96 -28.97 -1.73
CA ILE B 262 -7.08 -27.97 -1.12
C ILE B 262 -7.60 -27.57 0.26
N THR B 263 -8.92 -27.33 0.38
CA THR B 263 -9.43 -26.80 1.64
C THR B 263 -9.49 -27.88 2.72
N GLN B 264 -9.87 -29.09 2.36
CA GLN B 264 -9.85 -30.17 3.35
C GLN B 264 -8.43 -30.47 3.83
N ALA B 265 -7.45 -30.48 2.92
CA ALA B 265 -6.07 -30.60 3.34
C ALA B 265 -5.64 -29.43 4.22
N ALA B 266 -6.07 -28.20 3.84
CA ALA B 266 -5.73 -27.02 4.62
C ALA B 266 -6.28 -27.12 6.03
N ALA B 267 -7.52 -27.61 6.15
CA ALA B 267 -8.14 -27.79 7.47
C ALA B 267 -7.40 -28.82 8.31
N ASP B 268 -7.22 -30.02 7.75
CA ASP B 268 -6.42 -31.07 8.39
C ASP B 268 -5.09 -30.52 8.83
N SER B 269 -4.42 -29.81 7.93
CA SER B 269 -3.05 -29.38 8.17
C SER B 269 -2.98 -28.24 9.17
N GLN B 270 -4.08 -27.50 9.33
CA GLN B 270 -4.13 -26.49 10.35
C GLN B 270 -4.05 -27.14 11.72
N ALA B 271 -4.87 -28.17 11.95
CA ALA B 271 -4.88 -28.80 13.26
C ALA B 271 -3.56 -29.49 13.53
N PHE B 272 -2.99 -30.12 12.48
CA PHE B 272 -1.68 -30.74 12.61
C PHE B 272 -0.59 -29.69 12.88
N GLN B 273 -0.69 -28.52 12.22
CA GLN B 273 0.32 -27.47 12.38
C GLN B 273 0.38 -26.98 13.82
N ARG B 274 -0.78 -26.67 14.39
CA ARG B 274 -0.79 -26.03 15.69
C ARG B 274 -0.26 -26.99 16.76
N LYS B 275 -0.77 -28.22 16.77
CA LYS B 275 -0.22 -29.22 17.67
C LYS B 275 1.28 -29.35 17.50
N ALA B 276 1.74 -29.41 16.25
CA ALA B 276 3.16 -29.57 16.00
C ALA B 276 3.96 -28.35 16.41
N SER B 277 3.38 -27.14 16.29
CA SER B 277 4.14 -25.96 16.69
C SER B 277 4.29 -25.88 18.20
N ARG B 278 3.23 -26.23 18.92
CA ARG B 278 3.24 -26.06 20.37
C ARG B 278 4.09 -27.15 21.03
N GLN B 279 4.05 -28.36 20.51
CA GLN B 279 5.03 -29.36 20.93
C GLN B 279 6.45 -28.90 20.63
N GLY B 280 6.65 -28.26 19.49
CA GLY B 280 7.96 -27.74 19.16
C GLY B 280 8.36 -26.56 20.02
N ASN B 281 7.40 -25.70 20.40
CA ASN B 281 7.78 -24.66 21.35
C ASN B 281 8.33 -25.28 22.63
N GLU B 282 7.72 -26.37 23.09
CA GLU B 282 8.14 -26.99 24.35
C GLU B 282 9.49 -27.69 24.21
N ASP B 283 9.72 -28.36 23.09
CA ASP B 283 11.02 -28.98 22.87
C ASP B 283 12.13 -27.95 22.69
N ALA B 284 11.81 -26.81 22.04
CA ALA B 284 12.85 -25.84 21.73
C ALA B 284 13.45 -25.27 22.99
N LEU B 285 12.62 -24.98 23.98
CA LEU B 285 13.12 -24.41 25.22
C LEU B 285 14.06 -25.41 25.90
N LYS B 286 13.62 -26.65 26.04
CA LYS B 286 14.50 -27.72 26.50
C LYS B 286 15.84 -27.68 25.75
N TYR B 287 15.79 -27.79 24.43
CA TYR B 287 17.00 -27.87 23.65
C TYR B 287 17.91 -26.67 23.85
N LEU B 288 17.35 -25.46 23.79
CA LEU B 288 18.20 -24.29 23.83
C LEU B 288 18.91 -24.19 25.18
N LYS B 289 18.24 -24.59 26.27
CA LYS B 289 18.81 -24.62 27.62
C LYS B 289 19.77 -25.81 27.79
N GLU B 290 19.34 -27.02 27.38
CA GLU B 290 20.23 -28.19 27.36
C GLU B 290 21.39 -28.02 26.38
N HIS B 291 21.33 -26.99 25.52
CA HIS B 291 22.50 -26.42 24.86
C HIS B 291 23.05 -25.21 25.61
N ASN B 292 22.51 -24.93 26.82
CA ASN B 292 23.14 -23.98 27.74
C ASN B 292 23.21 -22.57 27.12
N VAL B 293 22.26 -22.23 26.22
CA VAL B 293 22.06 -20.83 25.84
C VAL B 293 21.66 -20.06 27.08
N LYS B 294 22.08 -18.82 27.18
CA LYS B 294 21.84 -18.02 28.39
C LYS B 294 20.45 -17.42 28.33
N VAL B 295 19.54 -17.93 29.16
CA VAL B 295 18.11 -17.68 29.09
C VAL B 295 17.71 -16.74 30.24
N ALA B 296 17.27 -15.55 29.89
CA ALA B 296 16.63 -14.61 30.82
C ALA B 296 15.13 -14.46 30.52
N GLU B 297 14.45 -13.80 31.44
CA GLU B 297 13.04 -13.47 31.27
C GLU B 297 12.80 -12.06 31.81
N PHE B 298 11.71 -11.47 31.35
CA PHE B 298 11.30 -10.14 31.78
C PHE B 298 10.45 -10.24 33.05
N SER B 299 10.92 -9.59 34.12
CA SER B 299 10.17 -9.47 35.37
C SER B 299 8.75 -8.99 35.07
N THR B 300 7.78 -9.32 35.91
CA THR B 300 6.39 -8.99 35.54
C THR B 300 6.29 -7.48 35.41
N GLU B 301 7.15 -6.78 36.21
CA GLU B 301 7.22 -5.33 36.08
C GLU B 301 7.76 -4.86 34.71
N GLU B 302 9.00 -5.24 34.38
CA GLU B 302 9.62 -5.01 33.09
C GLU B 302 8.70 -5.43 31.98
N ARG B 303 7.90 -6.47 32.22
CA ARG B 303 6.71 -6.70 31.42
C ARG B 303 5.97 -5.40 31.11
N GLU B 304 5.70 -4.63 32.16
CA GLU B 304 4.79 -3.50 32.08
C GLU B 304 5.43 -2.32 31.38
N LYS B 305 6.66 -1.97 31.79
CA LYS B 305 7.39 -0.88 31.16
C LYS B 305 7.27 -1.02 29.64
N ILE B 306 7.23 -2.25 29.13
CA ILE B 306 7.04 -2.44 27.70
C ILE B 306 5.72 -1.83 27.26
N ARG B 307 4.65 -2.13 28.01
CA ARG B 307 3.31 -1.66 27.65
C ARG B 307 3.20 -0.14 27.73
N GLU B 308 3.73 0.44 28.81
CA GLU B 308 3.67 1.88 28.98
C GLU B 308 4.56 2.59 27.97
N LYS B 309 5.71 1.98 27.62
CA LYS B 309 6.57 2.61 26.62
C LYS B 309 5.95 2.54 25.22
N VAL B 310 5.29 1.44 24.87
CA VAL B 310 4.67 1.33 23.56
C VAL B 310 3.34 2.06 23.52
N ALA B 311 2.57 1.97 24.62
CA ALA B 311 1.18 2.42 24.66
C ALA B 311 0.91 3.66 23.81
N PRO B 312 1.69 4.73 23.96
CA PRO B 312 1.47 5.89 23.06
C PRO B 312 1.68 5.57 21.58
N ILE B 313 2.84 5.00 21.24
CA ILE B 313 3.10 4.58 19.87
C ILE B 313 1.95 3.72 19.35
N VAL B 314 1.49 2.76 20.15
CA VAL B 314 0.35 1.92 19.78
C VAL B 314 -0.80 2.79 19.32
N GLU B 315 -1.06 3.89 20.03
CA GLU B 315 -2.14 4.79 19.61
C GLU B 315 -1.89 5.33 18.21
N SER B 316 -0.70 5.85 17.96
CA SER B 316 -0.42 6.40 16.63
C SER B 316 -0.42 5.31 15.57
N LEU B 317 -0.08 4.10 15.97
CA LEU B 317 -0.09 2.99 15.04
C LEU B 317 -1.51 2.60 14.65
N LYS B 318 -2.49 2.89 15.52
CA LYS B 318 -3.88 2.57 15.19
C LYS B 318 -4.30 3.17 13.86
N ALA B 319 -3.90 4.42 13.61
CA ALA B 319 -4.27 5.08 12.36
C ALA B 319 -3.58 4.42 11.17
N LYS B 320 -2.44 3.81 11.37
CA LYS B 320 -1.71 3.19 10.28
C LYS B 320 -2.09 1.73 10.03
N ILE B 321 -2.83 1.09 10.95
CA ILE B 321 -3.33 -0.27 10.74
C ILE B 321 -4.79 -0.27 10.31
N GLY B 322 -5.62 0.55 10.99
CA GLY B 322 -7.05 0.54 10.83
C GLY B 322 -7.77 0.45 12.17
N LYS B 323 -8.35 1.58 12.60
CA LYS B 323 -9.02 1.66 13.90
C LYS B 323 -9.98 0.49 14.10
N GLU B 324 -10.92 0.29 13.17
CA GLU B 324 -11.90 -0.76 13.44
C GLU B 324 -11.22 -2.10 13.61
N THR B 325 -10.16 -2.36 12.82
CA THR B 325 -9.48 -3.66 12.90
C THR B 325 -8.82 -3.83 14.27
N VAL B 326 -8.07 -2.82 14.72
CA VAL B 326 -7.43 -2.92 16.01
C VAL B 326 -8.47 -3.12 17.10
N GLU B 327 -9.50 -2.26 17.11
CA GLU B 327 -10.46 -2.29 18.20
C GLU B 327 -11.20 -3.61 18.21
N GLY B 328 -11.59 -4.08 17.04
CA GLY B 328 -12.31 -5.34 16.97
C GLY B 328 -11.48 -6.51 17.46
N VAL B 329 -10.18 -6.52 17.13
CA VAL B 329 -9.34 -7.64 17.52
C VAL B 329 -9.15 -7.65 19.03
N LEU B 330 -8.98 -6.45 19.62
CA LEU B 330 -8.80 -6.36 21.07
C LEU B 330 -10.05 -6.80 21.78
N ASP B 331 -11.22 -6.45 21.24
CA ASP B 331 -12.47 -6.86 21.86
C ASP B 331 -12.63 -8.36 21.80
N ALA B 332 -12.35 -8.95 20.64
CA ALA B 332 -12.39 -10.40 20.50
C ALA B 332 -11.43 -11.07 21.48
N ALA B 333 -10.19 -10.58 21.55
CA ALA B 333 -9.23 -11.17 22.48
C ALA B 333 -9.74 -11.07 23.91
N LYS B 334 -10.38 -9.94 24.23
CA LYS B 334 -10.93 -9.75 25.56
C LYS B 334 -12.03 -10.77 25.82
N LYS B 335 -13.00 -10.87 24.89
CA LYS B 335 -14.05 -11.86 25.06
C LYS B 335 -13.45 -13.26 25.19
N ALA B 336 -12.52 -13.61 24.30
CA ALA B 336 -11.91 -14.94 24.40
C ALA B 336 -11.26 -15.13 25.76
N SER B 337 -10.52 -14.12 26.22
CA SER B 337 -9.79 -14.17 27.48
C SER B 337 -10.75 -14.08 28.67
C01 TF8 C . -9.91 12.99 -10.48
C02 TF8 C . -8.40 13.06 -10.68
C03 TF8 C . -7.95 11.79 -9.98
C04 TF8 C . -6.58 11.85 -9.23
C05 TF8 C . -6.25 10.45 -8.71
C06 TF8 C . -6.93 10.26 -7.32
O07 TF8 C . -10.60 12.73 -11.53
O08 TF8 C . -8.15 13.22 -12.03
O09 TF8 C . -7.99 10.76 -10.94
O10 TF8 C . -6.76 12.86 -8.30
O11 TF8 C . -4.90 10.10 -8.49
O12 TF8 C . -10.47 13.11 -9.35
H021 TF8 C . -7.90 13.81 -10.30
H031 TF8 C . -8.55 11.62 -9.23
H041 TF8 C . -5.79 12.07 -9.76
H051 TF8 C . -6.59 9.89 -9.42
H063 TF8 C . -6.25 10.23 -6.62
H061 TF8 C . -7.43 9.44 -7.30
H062 TF8 C . -7.53 11.01 -7.14
H081 TF8 C . -8.72 13.75 -12.34
H091 TF8 C . -8.28 10.04 -10.60
H101 TF8 C . -6.74 13.62 -8.67
H111 TF8 C . -4.83 9.33 -8.12
C01 TF8 D . 10.12 -13.51 10.31
C02 TF8 D . 9.03 -14.58 10.25
C03 TF8 D . 9.51 -15.62 9.20
C04 TF8 D . 8.49 -16.40 8.44
C05 TF8 D . 8.59 -17.09 7.09
C06 TF8 D . 8.58 -18.64 7.18
O07 TF8 D . 10.28 -12.70 9.34
O08 TF8 D . 8.86 -14.92 11.60
O09 TF8 D . 10.21 -16.57 9.91
O10 TF8 D . 7.54 -15.35 8.23
O11 TF8 D . 9.66 -16.65 6.29
O12 TF8 D . 10.95 -13.52 11.37
H021 TF8 D . 8.13 -14.40 9.92
H031 TF8 D . 9.97 -15.08 8.53
H041 TF8 D . 8.40 -17.21 8.97
H051 TF8 D . 7.77 -16.80 6.65
H063 TF8 D . 9.45 -18.96 7.46
H061 TF8 D . 8.36 -19.02 6.32
H062 TF8 D . 7.91 -18.92 7.83
H081 TF8 D . 9.59 -14.87 12.01
H091 TF8 D . 10.58 -16.22 10.60
H101 TF8 D . 6.74 -15.50 8.42
H111 TF8 D . 9.41 -16.61 5.48
#